data_9BIG
#
_entry.id   9BIG
#
_cell.length_a   103.505
_cell.length_b   103.505
_cell.length_c   53.059
_cell.angle_alpha   90.00
_cell.angle_beta   90.00
_cell.angle_gamma   120.00
#
_symmetry.space_group_name_H-M   'P 31'
#
loop_
_entity.id
_entity.type
_entity.pdbx_description
1 polymer 'Signal transducer and activator of transcription 6'
2 non-polymer '[(2-{[(2S)-1-{(2S,4S)-4-[(7-{2-[(3R)-2,6-dioxopiperidin-3-yl]-1-oxo-2,3-dihydro-1H-isoindol-4-yl}hept-6-yn-1-yl)oxy]-2-[(2R)-2-phenylmorpholine-4-carbonyl]pyrrolidin-1-yl}-3,3-dimethyl-1-oxobutan-2-yl]carbamoyl}-1-benzothiophen-5-yl)di(fluoro)methyl]phosphonic acid'
3 water water
#
_entity_poly.entity_id   1
_entity_poly.type   'polypeptide(L)'
_entity_poly.pdbx_seq_one_letter_code
;QFRHLPMPFHWKQEELKFKTGLRRLQHRVGEIHLLREALQKGAEAGQVSLHSLIETPANGTGPSEALAMLLQETTGELEA
AKALVLKRIQIWKRQQQLAGNGAPFEESLAPLQERCESLVDIYSQLQQEVGAAGGELEPKTRASLTGRLDEVLRTLVTSC
FLVEKQPPQVLKTQTKFQAGVRFLLGLRFLGAPAKPPLVRADMVTEKQARELSVPQGPGAGAESTGEIINNTVPLENSIP
GNCCSALFKNLLLKKIKRCERKGTESVTEEKCAVLFSASFTLGPGKLPIQLQALSLPLVVIVHGNQDNNAKATILWDNAF
SEMDRVPFVVAERVPWEKMCETLNLKFMAEVGTNRGLLPEHFLFLAQKIFNDNSLSMEAFQHRSVSWSQFNKEILLGRGF
TFWQWFDGVLDLTKRCLRSYWSDRLIIGFISKQYVTSLLLNEPDGTFLLRFSDSEIGGITIAHVIRGQDGSPQIENIQPF
SAKDLSIRSLGDRIRDLAQLKNLYPKKPKDEAFRSHYKPEQMGKDGRGYVPATIKMTVERDQPLPT
;
_entity_poly.pdbx_strand_id   A
#
loop_
_chem_comp.id
_chem_comp.type
_chem_comp.name
_chem_comp.formula
A1AQQ non-polymer '[(2-{[(2S)-1-{(2S,4S)-4-[(7-{2-[(3R)-2,6-dioxopiperidin-3-yl]-1-oxo-2,3-dihydro-1H-isoindol-4-yl}hept-6-yn-1-yl)oxy]-2-[(2R)-2-phenylmorpholine-4-carbonyl]pyrrolidin-1-yl}-3,3-dimethyl-1-oxobutan-2-yl]carbamoyl}-1-benzothiophen-5-yl)di(fluoro)methyl]phosphonic acid' 'C51 H56 F2 N5 O11 P S'
#
# COMPACT_ATOMS: atom_id res chain seq x y z
N ALA A 68 -52.33 -12.29 0.00
CA ALA A 68 -51.40 -13.26 0.58
C ALA A 68 -50.67 -12.70 1.81
N MET A 69 -50.17 -13.60 2.70
CA MET A 69 -49.42 -13.20 3.90
C MET A 69 -48.18 -12.44 3.48
N LEU A 70 -47.47 -12.97 2.47
CA LEU A 70 -46.27 -12.48 1.80
C LEU A 70 -45.67 -11.15 2.28
N LEU A 71 -45.05 -11.17 3.45
CA LEU A 71 -44.33 -10.02 3.95
C LEU A 71 -42.85 -10.30 3.66
N GLN A 72 -42.55 -10.65 2.37
CA GLN A 72 -41.23 -10.92 1.78
C GLN A 72 -40.33 -9.68 1.75
N GLU A 73 -40.79 -8.54 2.29
CA GLU A 73 -40.00 -7.36 2.44
C GLU A 73 -38.94 -7.59 3.54
N THR A 74 -39.17 -8.51 4.51
CA THR A 74 -38.15 -8.84 5.50
C THR A 74 -37.06 -9.74 4.88
N THR A 75 -37.35 -10.43 3.77
CA THR A 75 -36.35 -11.20 3.03
C THR A 75 -35.49 -10.21 2.23
N GLY A 76 -36.15 -9.22 1.61
CA GLY A 76 -35.51 -8.13 0.88
C GLY A 76 -34.70 -7.23 1.79
N GLU A 77 -35.06 -7.17 3.09
CA GLU A 77 -34.33 -6.42 4.11
C GLU A 77 -33.04 -7.17 4.40
N LEU A 78 -33.10 -8.50 4.52
CA LEU A 78 -31.92 -9.34 4.72
C LEU A 78 -31.01 -9.27 3.50
N GLU A 79 -31.61 -9.27 2.29
CA GLU A 79 -30.92 -9.17 1.00
C GLU A 79 -30.13 -7.84 0.90
N ALA A 80 -30.71 -6.76 1.46
CA ALA A 80 -30.11 -5.43 1.46
C ALA A 80 -29.05 -5.33 2.54
N ALA A 81 -29.29 -5.91 3.72
CA ALA A 81 -28.31 -5.88 4.80
C ALA A 81 -27.08 -6.72 4.45
N LYS A 82 -27.27 -7.83 3.72
CA LYS A 82 -26.18 -8.68 3.26
C LYS A 82 -25.33 -7.92 2.23
N ALA A 83 -25.98 -7.14 1.35
CA ALA A 83 -25.31 -6.33 0.34
C ALA A 83 -24.41 -5.28 1.00
N LEU A 84 -24.89 -4.67 2.10
CA LEU A 84 -24.15 -3.68 2.87
C LEU A 84 -22.97 -4.32 3.57
N VAL A 85 -23.14 -5.52 4.12
CA VAL A 85 -22.05 -6.23 4.77
C VAL A 85 -20.97 -6.58 3.75
N LEU A 86 -21.38 -7.01 2.55
CA LEU A 86 -20.45 -7.32 1.47
C LEU A 86 -19.55 -6.13 1.11
N LYS A 87 -20.10 -4.88 1.19
CA LYS A 87 -19.30 -3.68 0.94
C LYS A 87 -18.37 -3.39 2.09
N ARG A 88 -18.79 -3.66 3.34
CA ARG A 88 -17.93 -3.47 4.50
C ARG A 88 -16.68 -4.37 4.43
N ILE A 89 -16.83 -5.56 3.86
CA ILE A 89 -15.74 -6.52 3.66
C ILE A 89 -14.85 -6.01 2.50
N GLN A 90 -15.48 -5.56 1.42
CA GLN A 90 -14.84 -5.02 0.23
C GLN A 90 -13.93 -3.85 0.61
N ILE A 91 -14.44 -2.95 1.45
CA ILE A 91 -13.74 -1.77 1.94
C ILE A 91 -12.57 -2.18 2.85
N TRP A 92 -12.76 -3.21 3.67
CA TRP A 92 -11.70 -3.72 4.52
C TRP A 92 -10.54 -4.23 3.69
N LYS A 93 -10.82 -4.90 2.58
CA LYS A 93 -9.77 -5.44 1.70
C LYS A 93 -8.97 -4.33 1.02
N ARG A 94 -9.64 -3.20 0.69
CA ARG A 94 -9.02 -2.03 0.06
C ARG A 94 -8.14 -1.30 1.06
N GLN A 95 -8.55 -1.22 2.33
CA GLN A 95 -7.72 -0.60 3.37
C GLN A 95 -6.45 -1.45 3.58
N GLN A 96 -6.60 -2.77 3.56
CA GLN A 96 -5.52 -3.75 3.68
C GLN A 96 -4.58 -3.64 2.47
N GLN A 97 -5.13 -3.41 1.27
CA GLN A 97 -4.35 -3.24 0.04
C GLN A 97 -3.55 -1.93 0.11
N LEU A 98 -4.18 -0.86 0.61
CA LEU A 98 -3.51 0.43 0.78
C LEU A 98 -2.41 0.35 1.82
N ALA A 99 -2.61 -0.46 2.87
CA ALA A 99 -1.61 -0.69 3.91
C ALA A 99 -0.34 -1.40 3.42
N GLY A 100 -0.38 -1.97 2.23
CA GLY A 100 0.80 -2.60 1.63
C GLY A 100 1.84 -1.55 1.29
N ASN A 101 1.37 -0.37 0.83
CA ASN A 101 2.21 0.78 0.52
C ASN A 101 2.36 1.68 1.76
N GLY A 102 2.55 1.04 2.92
CA GLY A 102 2.68 1.71 4.21
C GLY A 102 1.56 2.69 4.49
N ALA A 103 0.50 2.22 5.16
CA ALA A 103 -0.66 3.07 5.45
C ALA A 103 -1.32 2.65 6.78
N PRO A 104 -2.15 3.55 7.38
CA PRO A 104 -2.78 3.21 8.66
C PRO A 104 -3.60 1.90 8.65
N PHE A 105 -4.87 1.88 8.17
CA PHE A 105 -5.72 0.70 8.15
C PHE A 105 -5.89 0.15 9.62
N GLU A 106 -5.10 -0.87 10.05
CA GLU A 106 -5.11 -1.52 11.38
C GLU A 106 -6.51 -2.01 11.81
N GLU A 107 -7.39 -2.31 10.85
CA GLU A 107 -8.74 -2.76 11.16
C GLU A 107 -8.79 -4.27 11.36
N SER A 108 -9.56 -4.69 12.35
CA SER A 108 -9.70 -6.10 12.67
C SER A 108 -10.96 -6.69 12.07
N LEU A 109 -10.91 -7.99 11.77
CA LEU A 109 -12.04 -8.72 11.23
C LEU A 109 -13.05 -9.14 12.32
N ALA A 110 -12.72 -8.97 13.61
CA ALA A 110 -13.60 -9.32 14.72
C ALA A 110 -14.97 -8.61 14.70
N PRO A 111 -15.08 -7.27 14.55
CA PRO A 111 -16.42 -6.65 14.51
C PRO A 111 -17.18 -6.99 13.22
N LEU A 112 -16.44 -7.22 12.12
CA LEU A 112 -16.99 -7.58 10.81
C LEU A 112 -17.59 -8.98 10.87
N GLN A 113 -16.93 -9.90 11.59
CA GLN A 113 -17.39 -11.28 11.79
C GLN A 113 -18.71 -11.29 12.55
N GLU A 114 -18.86 -10.39 13.55
CA GLU A 114 -20.05 -10.21 14.38
C GLU A 114 -21.25 -9.81 13.50
N ARG A 115 -21.01 -8.96 12.49
CA ARG A 115 -22.05 -8.53 11.56
C ARG A 115 -22.50 -9.69 10.67
N CYS A 116 -21.56 -10.56 10.27
CA CYS A 116 -21.82 -11.74 9.46
C CYS A 116 -22.57 -12.81 10.26
N GLU A 117 -22.29 -12.91 11.59
CA GLU A 117 -22.97 -13.81 12.50
C GLU A 117 -24.45 -13.40 12.55
N SER A 118 -24.72 -12.08 12.69
CA SER A 118 -26.06 -11.53 12.74
C SER A 118 -26.86 -11.81 11.48
N LEU A 119 -26.21 -11.82 10.31
CA LEU A 119 -26.89 -12.14 9.06
C LEU A 119 -27.34 -13.60 9.06
N VAL A 120 -26.48 -14.49 9.57
CA VAL A 120 -26.79 -15.92 9.69
C VAL A 120 -27.93 -16.11 10.70
N ASP A 121 -27.94 -15.33 11.80
CA ASP A 121 -28.99 -15.35 12.80
C ASP A 121 -30.32 -14.92 12.17
N ILE A 122 -30.31 -13.88 11.33
CA ILE A 122 -31.51 -13.40 10.65
C ILE A 122 -32.01 -14.44 9.62
N TYR A 123 -31.06 -15.12 8.95
CA TYR A 123 -31.35 -16.18 7.98
C TYR A 123 -32.00 -17.38 8.68
N SER A 124 -31.57 -17.69 9.90
CA SER A 124 -32.11 -18.79 10.69
C SER A 124 -33.61 -18.56 10.96
N GLN A 125 -33.97 -17.41 11.56
CA GLN A 125 -35.36 -17.09 11.87
C GLN A 125 -36.23 -17.07 10.61
N LEU A 126 -35.71 -16.47 9.54
CA LEU A 126 -36.45 -16.36 8.30
C LEU A 126 -36.69 -17.68 7.60
N GLN A 127 -35.81 -18.67 7.83
CA GLN A 127 -35.96 -19.98 7.19
C GLN A 127 -37.07 -20.80 7.87
N GLN A 128 -37.17 -20.74 9.21
CA GLN A 128 -38.24 -21.47 9.91
C GLN A 128 -39.62 -20.85 9.70
N GLU A 129 -39.68 -19.53 9.40
CA GLU A 129 -40.94 -18.86 9.11
C GLU A 129 -41.47 -19.31 7.75
N VAL A 130 -40.59 -19.51 6.77
CA VAL A 130 -40.98 -20.01 5.45
C VAL A 130 -40.93 -21.53 5.52
N GLY A 131 -42.07 -22.16 5.23
CA GLY A 131 -42.23 -23.61 5.30
C GLY A 131 -43.36 -23.91 6.27
N ALA A 132 -43.28 -23.30 7.46
CA ALA A 132 -44.30 -23.37 8.49
C ALA A 132 -45.07 -22.04 8.36
N ALA A 133 -45.84 -21.92 7.29
CA ALA A 133 -46.58 -20.70 6.97
C ALA A 133 -48.04 -20.71 7.45
N GLY A 134 -48.66 -19.53 7.55
CA GLY A 134 -50.04 -19.35 7.95
C GLY A 134 -50.95 -19.17 6.75
N GLY A 135 -50.54 -18.30 5.84
CA GLY A 135 -51.25 -18.08 4.58
C GLY A 135 -51.08 -19.23 3.60
N GLU A 136 -49.99 -20.01 3.76
CA GLU A 136 -49.66 -21.21 2.99
C GLU A 136 -49.76 -21.04 1.47
N LEU A 137 -48.91 -20.19 0.88
CA LEU A 137 -48.94 -20.00 -0.57
C LEU A 137 -47.84 -20.83 -1.25
N GLU A 138 -48.09 -21.31 -2.48
CA GLU A 138 -47.08 -22.11 -3.19
C GLU A 138 -46.18 -21.24 -4.10
N PRO A 139 -45.03 -21.74 -4.64
CA PRO A 139 -44.12 -20.92 -5.47
C PRO A 139 -44.43 -19.43 -5.64
N LYS A 140 -44.08 -18.72 -4.57
CA LYS A 140 -44.25 -17.31 -4.22
C LYS A 140 -43.73 -17.28 -2.77
N THR A 141 -44.32 -18.12 -1.86
CA THR A 141 -43.84 -18.25 -0.49
C THR A 141 -43.14 -19.61 -0.26
N ARG A 142 -42.67 -20.28 -1.33
CA ARG A 142 -42.00 -21.57 -1.18
C ARG A 142 -40.81 -21.70 -2.14
N ALA A 143 -41.06 -21.92 -3.44
CA ALA A 143 -39.96 -22.08 -4.39
C ALA A 143 -39.38 -20.72 -4.76
N SER A 144 -40.24 -19.74 -5.04
CA SER A 144 -39.78 -18.39 -5.39
C SER A 144 -39.26 -17.59 -4.18
N LEU A 145 -39.33 -18.15 -2.96
CA LEU A 145 -38.87 -17.48 -1.77
C LEU A 145 -37.67 -18.18 -1.13
N THR A 146 -37.61 -19.52 -1.23
CA THR A 146 -36.47 -20.25 -0.64
C THR A 146 -35.22 -20.11 -1.51
N GLY A 147 -35.39 -20.01 -2.82
CA GLY A 147 -34.28 -19.83 -3.75
C GLY A 147 -33.49 -18.58 -3.46
N ARG A 148 -34.19 -17.51 -3.07
CA ARG A 148 -33.59 -16.23 -2.74
C ARG A 148 -32.84 -16.28 -1.42
N LEU A 149 -33.41 -16.93 -0.41
CA LEU A 149 -32.75 -17.06 0.90
C LEU A 149 -31.50 -17.93 0.83
N ASP A 150 -31.51 -18.93 -0.06
CA ASP A 150 -30.38 -19.83 -0.26
C ASP A 150 -29.17 -19.04 -0.80
N GLU A 151 -29.44 -18.12 -1.76
CA GLU A 151 -28.43 -17.27 -2.38
C GLU A 151 -27.78 -16.35 -1.36
N VAL A 152 -28.58 -15.83 -0.42
CA VAL A 152 -28.13 -14.95 0.65
C VAL A 152 -27.08 -15.65 1.52
N LEU A 153 -27.23 -16.95 1.76
CA LEU A 153 -26.25 -17.70 2.54
C LEU A 153 -25.06 -18.10 1.66
N ARG A 154 -25.33 -18.58 0.44
CA ARG A 154 -24.31 -19.01 -0.52
C ARG A 154 -23.29 -17.89 -0.79
N THR A 155 -23.76 -16.68 -1.10
CA THR A 155 -22.90 -15.55 -1.37
C THR A 155 -22.18 -15.08 -0.11
N LEU A 156 -22.88 -15.02 1.03
CA LEU A 156 -22.26 -14.58 2.28
C LEU A 156 -21.14 -15.52 2.72
N VAL A 157 -21.34 -16.83 2.57
CA VAL A 157 -20.33 -17.80 2.98
C VAL A 157 -19.07 -17.65 2.12
N THR A 158 -19.21 -17.53 0.80
CA THR A 158 -18.06 -17.34 -0.08
C THR A 158 -17.32 -16.01 0.21
N SER A 159 -18.08 -14.96 0.58
CA SER A 159 -17.51 -13.65 0.90
C SER A 159 -17.04 -13.59 2.37
N CYS A 160 -16.57 -14.70 2.90
CA CYS A 160 -16.06 -14.81 4.26
C CYS A 160 -14.70 -15.51 4.31
N PHE A 161 -14.33 -16.23 3.25
CA PHE A 161 -13.05 -16.87 3.16
C PHE A 161 -12.13 -15.80 2.62
N LEU A 162 -11.43 -15.11 3.53
CA LEU A 162 -10.55 -13.98 3.20
C LEU A 162 -9.06 -14.32 3.48
N VAL A 163 -8.14 -13.42 3.11
CA VAL A 163 -6.72 -13.56 3.39
C VAL A 163 -6.42 -12.57 4.53
N GLU A 164 -6.42 -13.04 5.79
CA GLU A 164 -6.18 -12.21 6.96
C GLU A 164 -4.78 -11.58 6.95
N LYS A 165 -3.76 -12.39 6.63
CA LYS A 165 -2.37 -11.91 6.55
C LYS A 165 -1.84 -12.22 5.16
N GLN A 166 -1.56 -11.17 4.39
CA GLN A 166 -1.11 -11.31 3.01
C GLN A 166 0.34 -11.78 2.85
N PRO A 167 0.61 -12.56 1.79
CA PRO A 167 1.99 -13.01 1.55
C PRO A 167 2.85 -11.88 1.00
N PRO A 168 4.17 -11.90 1.27
CA PRO A 168 5.04 -10.83 0.74
C PRO A 168 4.92 -10.66 -0.77
N GLN A 169 4.41 -9.49 -1.22
CA GLN A 169 4.22 -9.17 -2.63
C GLN A 169 5.53 -9.11 -3.42
N VAL A 170 6.62 -8.75 -2.75
CA VAL A 170 7.98 -8.77 -3.29
C VAL A 170 8.50 -10.09 -2.76
N LEU A 171 8.47 -11.16 -3.58
CA LEU A 171 8.84 -12.47 -3.11
C LEU A 171 10.05 -13.12 -3.76
N LYS A 172 11.08 -13.40 -2.96
CA LYS A 172 12.28 -14.10 -3.40
C LYS A 172 11.89 -15.59 -3.53
N THR A 173 12.19 -16.21 -4.68
CA THR A 173 11.82 -17.59 -5.06
C THR A 173 12.44 -18.74 -4.24
N GLN A 174 12.79 -18.52 -2.97
CA GLN A 174 13.37 -19.56 -2.13
C GLN A 174 13.14 -19.30 -0.64
N THR A 175 13.03 -18.03 -0.24
CA THR A 175 12.86 -17.68 1.17
C THR A 175 11.53 -18.18 1.73
N LYS A 176 11.52 -18.56 3.02
CA LYS A 176 10.33 -19.03 3.72
C LYS A 176 9.39 -17.85 4.01
N PHE A 177 8.18 -17.86 3.43
CA PHE A 177 7.22 -16.76 3.65
C PHE A 177 5.94 -17.19 4.35
N GLN A 178 5.49 -16.39 5.33
CA GLN A 178 4.30 -16.72 6.09
C GLN A 178 3.01 -16.18 5.45
N ALA A 179 1.93 -16.97 5.50
CA ALA A 179 0.62 -16.61 4.94
C ALA A 179 -0.51 -16.90 5.96
N GLY A 180 -1.68 -16.29 5.78
CA GLY A 180 -2.80 -16.49 6.70
C GLY A 180 -4.16 -16.19 6.12
N VAL A 181 -5.10 -17.15 6.25
CA VAL A 181 -6.46 -16.98 5.75
C VAL A 181 -7.48 -17.03 6.90
N ARG A 182 -8.60 -16.30 6.77
CA ARG A 182 -9.63 -16.29 7.82
C ARG A 182 -11.03 -16.53 7.26
N PHE A 183 -11.76 -17.45 7.88
CA PHE A 183 -13.14 -17.73 7.50
C PHE A 183 -14.02 -17.13 8.60
N LEU A 184 -14.92 -16.22 8.22
CA LEU A 184 -15.78 -15.52 9.17
C LEU A 184 -16.86 -16.37 9.82
N LEU A 185 -17.53 -17.23 9.06
CA LEU A 185 -18.61 -18.07 9.60
C LEU A 185 -18.13 -19.46 10.02
N GLY A 186 -16.95 -19.54 10.61
CA GLY A 186 -16.39 -20.81 11.04
C GLY A 186 -16.91 -21.26 12.39
N LEU A 187 -17.14 -20.31 13.29
CA LEU A 187 -17.66 -20.62 14.62
C LEU A 187 -19.15 -21.06 14.62
N ARG A 188 -19.83 -20.90 13.49
CA ARG A 188 -21.24 -21.28 13.33
C ARG A 188 -21.41 -22.50 12.42
N PHE A 189 -20.42 -22.80 11.56
CA PHE A 189 -20.53 -23.90 10.61
C PHE A 189 -19.58 -25.06 10.87
N LEU A 190 -18.56 -24.86 11.72
CA LEU A 190 -17.61 -25.93 12.03
C LEU A 190 -17.55 -26.19 13.53
N GLY A 191 -18.33 -27.14 13.98
CA GLY A 191 -18.39 -27.51 15.39
C GLY A 191 -17.29 -28.45 15.81
N ALA A 192 -17.33 -28.90 17.07
CA ALA A 192 -16.34 -29.81 17.64
C ALA A 192 -16.27 -31.20 16.95
N PRO A 193 -17.39 -31.92 16.67
CA PRO A 193 -17.26 -33.22 15.98
C PRO A 193 -16.94 -33.10 14.48
N ALA A 194 -17.14 -31.91 13.90
CA ALA A 194 -16.87 -31.64 12.48
C ALA A 194 -15.36 -31.59 12.22
N LYS A 195 -14.92 -32.20 11.11
CA LYS A 195 -13.51 -32.26 10.72
C LYS A 195 -13.03 -30.96 10.08
N PRO A 196 -11.81 -30.51 10.41
CA PRO A 196 -11.30 -29.27 9.80
C PRO A 196 -10.88 -29.48 8.34
N PRO A 197 -11.31 -28.58 7.42
CA PRO A 197 -10.94 -28.75 6.01
C PRO A 197 -9.50 -28.39 5.71
N LEU A 198 -8.81 -29.21 4.89
CA LEU A 198 -7.43 -28.90 4.53
C LEU A 198 -7.40 -27.80 3.48
N VAL A 199 -6.64 -26.73 3.76
CA VAL A 199 -6.55 -25.59 2.85
C VAL A 199 -5.31 -25.70 1.98
N ARG A 200 -5.49 -25.55 0.66
CA ARG A 200 -4.38 -25.63 -0.28
C ARG A 200 -4.04 -24.25 -0.79
N ALA A 201 -2.75 -23.89 -0.77
CA ALA A 201 -2.27 -22.60 -1.25
C ALA A 201 -1.45 -22.75 -2.53
N ASP A 202 -2.13 -22.90 -3.68
CA ASP A 202 -1.47 -23.07 -4.97
C ASP A 202 -1.27 -21.73 -5.69
N MET A 203 -0.05 -21.46 -6.17
CA MET A 203 0.25 -20.22 -6.88
C MET A 203 -0.27 -20.19 -8.33
N VAL A 204 -1.02 -19.15 -8.70
CA VAL A 204 -1.56 -18.97 -10.05
C VAL A 204 -1.17 -17.61 -10.63
N THR A 205 -1.07 -17.53 -11.96
CA THR A 205 -0.68 -16.32 -12.67
C THR A 205 -1.88 -15.34 -12.87
N GLU A 206 -1.66 -14.20 -13.56
CA GLU A 206 -2.70 -13.21 -13.87
C GLU A 206 -3.76 -13.82 -14.82
N LYS A 207 -3.33 -14.68 -15.75
CA LYS A 207 -4.24 -15.37 -16.66
C LYS A 207 -5.12 -16.35 -15.87
N GLN A 208 -4.49 -17.20 -15.04
CA GLN A 208 -5.22 -18.19 -14.24
C GLN A 208 -6.03 -17.57 -13.07
N ALA A 209 -5.81 -16.28 -12.77
CA ALA A 209 -6.58 -15.59 -11.73
C ALA A 209 -8.04 -15.45 -12.14
N ARG A 210 -8.32 -15.31 -13.45
CA ARG A 210 -9.69 -15.22 -13.94
C ARG A 210 -10.31 -16.62 -14.13
N GLU A 211 -9.87 -17.61 -13.31
CA GLU A 211 -10.33 -19.00 -13.31
C GLU A 211 -10.13 -19.70 -14.65
N ILE A 229 5.39 -25.22 -2.50
CA ILE A 229 5.43 -26.30 -1.52
C ILE A 229 4.92 -25.87 -0.13
N ASN A 230 4.61 -26.86 0.75
CA ASN A 230 4.07 -26.69 2.11
C ASN A 230 2.70 -26.01 2.10
N ASN A 231 1.83 -26.45 1.19
CA ASN A 231 0.52 -25.88 0.98
C ASN A 231 -0.65 -26.74 1.48
N THR A 232 -0.62 -27.15 2.75
CA THR A 232 -1.70 -27.96 3.33
C THR A 232 -1.84 -27.65 4.83
N VAL A 233 -2.79 -26.77 5.19
CA VAL A 233 -3.02 -26.38 6.59
C VAL A 233 -4.51 -26.53 6.96
N PRO A 234 -4.80 -27.24 8.06
CA PRO A 234 -6.22 -27.42 8.44
C PRO A 234 -6.83 -26.22 9.18
N LEU A 235 -8.01 -25.80 8.70
CA LEU A 235 -8.76 -24.67 9.25
C LEU A 235 -9.25 -24.96 10.67
N GLU A 236 -8.51 -24.50 11.68
CA GLU A 236 -8.90 -24.73 13.07
C GLU A 236 -9.58 -23.54 13.73
N ASN A 237 -10.41 -23.81 14.74
CA ASN A 237 -11.12 -22.78 15.48
C ASN A 237 -10.38 -22.39 16.79
N SER A 238 -10.90 -21.38 17.53
CA SER A 238 -10.27 -20.97 18.79
C SER A 238 -11.28 -20.47 19.81
N ILE A 239 -11.32 -21.11 20.98
CA ILE A 239 -12.21 -20.70 22.06
C ILE A 239 -11.67 -19.43 22.77
N PRO A 240 -10.36 -19.34 23.14
CA PRO A 240 -9.87 -18.09 23.77
C PRO A 240 -9.32 -17.13 22.71
N GLY A 241 -10.03 -17.03 21.59
CA GLY A 241 -9.66 -16.16 20.48
C GLY A 241 -10.83 -15.80 19.57
N ASN A 242 -11.88 -16.64 19.56
CA ASN A 242 -13.11 -16.50 18.77
C ASN A 242 -12.85 -16.26 17.28
N CYS A 243 -12.19 -17.22 16.63
CA CYS A 243 -11.86 -17.12 15.21
C CYS A 243 -11.79 -18.50 14.54
N CYS A 244 -11.73 -18.53 13.21
CA CYS A 244 -11.59 -19.77 12.46
C CYS A 244 -10.60 -19.51 11.34
N SER A 245 -9.36 -19.20 11.71
CA SER A 245 -8.30 -18.90 10.76
C SER A 245 -7.40 -20.12 10.41
N ALA A 246 -6.40 -19.93 9.52
CA ALA A 246 -5.47 -20.99 9.11
C ALA A 246 -4.13 -20.39 8.72
N LEU A 247 -3.15 -20.43 9.63
CA LEU A 247 -1.83 -19.85 9.38
C LEU A 247 -0.89 -20.83 8.70
N PHE A 248 -0.30 -20.43 7.57
CA PHE A 248 0.67 -21.21 6.81
C PHE A 248 2.05 -20.63 7.13
N LYS A 249 2.63 -21.04 8.27
CA LYS A 249 3.92 -20.54 8.76
C LYS A 249 5.13 -20.86 7.86
N ASN A 250 5.07 -21.97 7.12
CA ASN A 250 6.16 -22.38 6.24
C ASN A 250 5.70 -22.39 4.79
N LEU A 251 6.49 -21.81 3.87
CA LEU A 251 6.17 -21.77 2.44
C LEU A 251 7.41 -21.44 1.62
N LEU A 252 7.75 -22.30 0.66
CA LEU A 252 8.90 -22.10 -0.23
C LEU A 252 8.50 -22.27 -1.70
N LEU A 253 9.31 -21.74 -2.64
CA LEU A 253 9.01 -21.86 -4.07
C LEU A 253 10.01 -22.72 -4.84
N GLU A 269 7.12 -7.39 -14.18
CA GLU A 269 5.76 -7.23 -14.67
C GLU A 269 4.90 -8.50 -14.60
N GLU A 270 5.36 -9.53 -13.85
CA GLU A 270 4.61 -10.77 -13.73
C GLU A 270 3.81 -10.85 -12.45
N LYS A 271 2.58 -10.31 -12.46
CA LYS A 271 1.69 -10.33 -11.30
C LYS A 271 1.04 -11.70 -11.17
N CYS A 272 1.52 -12.53 -10.23
CA CYS A 272 0.97 -13.87 -10.00
C CYS A 272 0.65 -13.97 -8.51
N ALA A 273 -0.58 -14.38 -8.14
CA ALA A 273 -0.95 -14.47 -6.73
C ALA A 273 -1.22 -15.90 -6.23
N VAL A 274 -1.21 -16.12 -4.89
CA VAL A 274 -1.47 -17.42 -4.29
C VAL A 274 -2.97 -17.63 -4.08
N LEU A 275 -3.52 -18.70 -4.64
CA LEU A 275 -4.93 -19.03 -4.49
C LEU A 275 -5.09 -19.99 -3.32
N PHE A 276 -5.86 -19.60 -2.31
CA PHE A 276 -6.15 -20.43 -1.14
C PHE A 276 -7.54 -21.03 -1.29
N SER A 277 -7.71 -22.34 -1.04
CA SER A 277 -9.02 -22.99 -1.21
C SER A 277 -9.21 -24.19 -0.28
N ALA A 278 -10.47 -24.48 0.10
CA ALA A 278 -10.76 -25.61 0.97
C ALA A 278 -12.12 -26.27 0.67
N SER A 279 -12.26 -27.57 1.02
CA SER A 279 -13.51 -28.31 0.81
C SER A 279 -14.46 -28.06 1.98
N PHE A 280 -15.77 -27.92 1.70
CA PHE A 280 -16.73 -27.61 2.76
C PHE A 280 -18.14 -28.13 2.48
N THR A 281 -18.93 -28.40 3.53
CA THR A 281 -20.33 -28.84 3.45
C THR A 281 -21.15 -28.31 4.64
N LEU A 282 -22.33 -27.75 4.37
CA LEU A 282 -23.21 -27.16 5.39
C LEU A 282 -23.52 -28.08 6.56
N PRO A 288 -22.40 -29.10 0.60
CA PRO A 288 -21.17 -29.49 -0.09
C PRO A 288 -20.65 -28.36 -0.99
N ILE A 289 -20.66 -27.13 -0.45
CA ILE A 289 -20.25 -25.91 -1.16
C ILE A 289 -18.74 -25.64 -1.01
N GLN A 290 -18.15 -24.88 -1.95
CA GLN A 290 -16.71 -24.63 -1.92
C GLN A 290 -16.30 -23.20 -1.56
N LEU A 291 -15.11 -23.05 -0.99
CA LEU A 291 -14.57 -21.77 -0.58
C LEU A 291 -13.23 -21.44 -1.24
N GLN A 292 -13.08 -20.19 -1.70
CA GLN A 292 -11.87 -19.71 -2.35
C GLN A 292 -11.47 -18.32 -1.83
N ALA A 293 -10.17 -18.00 -1.92
CA ALA A 293 -9.61 -16.72 -1.50
C ALA A 293 -8.37 -16.42 -2.33
N LEU A 294 -8.38 -15.30 -3.05
CA LEU A 294 -7.25 -14.91 -3.90
C LEU A 294 -6.47 -13.79 -3.22
N SER A 295 -5.14 -13.87 -3.24
CA SER A 295 -4.31 -12.84 -2.61
C SER A 295 -3.99 -11.66 -3.56
N LEU A 296 -3.35 -10.62 -3.03
CA LEU A 296 -2.93 -9.46 -3.82
C LEU A 296 -1.76 -9.87 -4.73
N PRO A 297 -1.57 -9.22 -5.88
CA PRO A 297 -0.46 -9.64 -6.78
C PRO A 297 0.91 -9.79 -6.13
N LEU A 298 1.68 -10.75 -6.63
CA LEU A 298 3.01 -11.03 -6.11
C LEU A 298 3.95 -11.12 -7.29
N VAL A 299 5.06 -10.39 -7.25
CA VAL A 299 6.06 -10.49 -8.30
C VAL A 299 7.21 -11.32 -7.72
N VAL A 300 7.60 -12.39 -8.42
CA VAL A 300 8.64 -13.29 -7.92
C VAL A 300 10.05 -12.92 -8.44
N ILE A 301 10.89 -12.44 -7.53
CA ILE A 301 12.25 -12.05 -7.87
C ILE A 301 13.22 -13.23 -7.71
N VAL A 302 14.23 -13.31 -8.58
CA VAL A 302 15.23 -14.37 -8.53
C VAL A 302 16.50 -13.99 -7.71
N HIS A 303 16.61 -12.71 -7.28
CA HIS A 303 17.69 -12.13 -6.50
C HIS A 303 19.04 -12.13 -7.23
N GLY A 304 18.99 -12.00 -8.55
CA GLY A 304 20.19 -11.95 -9.37
C GLY A 304 20.49 -10.52 -9.76
N ASN A 305 19.51 -9.87 -10.40
CA ASN A 305 19.63 -8.46 -10.77
C ASN A 305 18.93 -7.62 -9.66
N GLN A 306 17.98 -6.71 -9.96
CA GLN A 306 17.35 -5.91 -8.90
C GLN A 306 15.83 -5.98 -8.86
N ASP A 307 15.27 -5.90 -7.64
CA ASP A 307 13.83 -5.92 -7.40
C ASP A 307 13.18 -4.53 -7.55
N ASN A 308 13.91 -3.53 -8.08
CA ASN A 308 13.41 -2.17 -8.27
C ASN A 308 12.10 -2.10 -9.07
N ASN A 309 12.03 -2.79 -10.22
CA ASN A 309 10.82 -2.78 -11.03
C ASN A 309 9.65 -3.57 -10.43
N ALA A 310 9.94 -4.46 -9.47
CA ALA A 310 8.91 -5.22 -8.79
C ALA A 310 8.26 -4.35 -7.71
N LYS A 311 9.08 -3.61 -6.93
CA LYS A 311 8.59 -2.70 -5.88
C LYS A 311 7.75 -1.57 -6.49
N ALA A 312 8.12 -1.13 -7.70
CA ALA A 312 7.41 -0.07 -8.38
C ALA A 312 6.09 -0.56 -8.92
N THR A 313 6.05 -1.81 -9.44
CA THR A 313 4.80 -2.35 -9.98
C THR A 313 3.82 -2.73 -8.85
N ILE A 314 4.33 -3.10 -7.67
CA ILE A 314 3.50 -3.41 -6.50
C ILE A 314 2.91 -2.11 -5.97
N LEU A 315 3.74 -1.06 -5.87
CA LEU A 315 3.33 0.26 -5.41
C LEU A 315 2.21 0.82 -6.29
N TRP A 316 2.32 0.61 -7.60
CA TRP A 316 1.32 1.09 -8.55
C TRP A 316 0.04 0.26 -8.45
N ASP A 317 0.17 -1.06 -8.20
CA ASP A 317 -0.99 -1.93 -8.06
C ASP A 317 -1.79 -1.55 -6.81
N ASN A 318 -1.17 -1.70 -5.62
CA ASN A 318 -1.78 -1.43 -4.32
C ASN A 318 -2.48 -0.08 -4.18
N ALA A 319 -1.91 0.97 -4.77
CA ALA A 319 -2.48 2.30 -4.66
C ALA A 319 -3.50 2.63 -5.75
N PHE A 320 -3.21 2.23 -6.98
CA PHE A 320 -4.06 2.60 -8.11
C PHE A 320 -4.91 1.44 -8.61
N SER A 321 -5.67 0.83 -7.70
CA SER A 321 -6.56 -0.29 -8.01
C SER A 321 -8.01 0.07 -7.72
N GLU A 322 -8.94 -0.61 -8.39
CA GLU A 322 -10.36 -0.41 -8.15
C GLU A 322 -10.85 -1.43 -7.14
N MET A 323 -11.97 -1.13 -6.45
CA MET A 323 -12.55 -2.09 -5.51
C MET A 323 -13.15 -3.29 -6.28
N ASP A 324 -13.77 -3.00 -7.46
CA ASP A 324 -14.38 -3.95 -8.39
C ASP A 324 -13.34 -4.39 -9.43
N ARG A 325 -12.21 -4.91 -8.97
CA ARG A 325 -11.12 -5.30 -9.85
C ARG A 325 -11.30 -6.65 -10.56
N VAL A 326 -10.69 -6.78 -11.74
CA VAL A 326 -10.66 -8.01 -12.52
C VAL A 326 -9.21 -8.43 -12.46
N PRO A 327 -8.85 -9.34 -11.53
CA PRO A 327 -7.45 -9.72 -11.34
C PRO A 327 -6.61 -9.94 -12.60
N PHE A 328 -5.56 -9.11 -12.82
CA PHE A 328 -5.15 -8.00 -11.95
C PHE A 328 -4.99 -6.69 -12.78
N VAL A 329 -6.10 -6.06 -13.13
CA VAL A 329 -6.06 -4.84 -13.95
C VAL A 329 -5.81 -3.60 -13.10
N VAL A 330 -4.89 -2.73 -13.56
CA VAL A 330 -4.57 -1.47 -12.90
C VAL A 330 -4.63 -0.32 -13.90
N ALA A 331 -5.17 0.84 -13.49
CA ALA A 331 -5.25 2.00 -14.38
C ALA A 331 -3.83 2.48 -14.67
N GLU A 332 -3.50 2.75 -15.95
CA GLU A 332 -2.13 3.11 -16.30
C GLU A 332 -1.94 4.61 -16.63
N ARG A 333 -2.85 5.48 -16.18
CA ARG A 333 -2.76 6.93 -16.37
C ARG A 333 -3.51 7.57 -15.22
N VAL A 334 -2.92 7.56 -14.01
CA VAL A 334 -3.55 8.12 -12.82
C VAL A 334 -3.27 9.62 -12.65
N PRO A 335 -4.13 10.39 -11.95
CA PRO A 335 -3.86 11.83 -11.80
C PRO A 335 -2.76 12.11 -10.79
N TRP A 336 -2.04 13.23 -11.01
CA TRP A 336 -0.91 13.63 -10.17
C TRP A 336 -1.29 13.76 -8.71
N GLU A 337 -2.50 14.25 -8.38
CA GLU A 337 -2.92 14.38 -7.00
C GLU A 337 -2.88 13.08 -6.24
N LYS A 338 -3.27 11.98 -6.91
CA LYS A 338 -3.27 10.67 -6.28
C LYS A 338 -1.85 10.14 -6.11
N MET A 339 -0.97 10.44 -7.09
CA MET A 339 0.43 10.04 -7.05
C MET A 339 1.16 10.80 -5.95
N CYS A 340 0.88 12.08 -5.78
CA CYS A 340 1.47 12.90 -4.73
C CYS A 340 1.08 12.33 -3.38
N GLU A 341 -0.23 12.04 -3.20
CA GLU A 341 -0.80 11.43 -1.99
C GLU A 341 -0.08 10.11 -1.67
N THR A 342 0.09 9.23 -2.67
CA THR A 342 0.75 7.93 -2.54
C THR A 342 2.22 8.08 -2.23
N LEU A 343 2.90 9.02 -2.91
CA LEU A 343 4.32 9.28 -2.67
C LEU A 343 4.54 9.82 -1.27
N ASN A 344 3.63 10.67 -0.79
CA ASN A 344 3.69 11.21 0.55
C ASN A 344 3.54 10.09 1.57
N LEU A 345 2.58 9.17 1.35
CA LEU A 345 2.36 8.07 2.27
C LEU A 345 3.55 7.15 2.29
N LYS A 346 4.04 6.73 1.10
CA LYS A 346 5.19 5.83 0.97
C LYS A 346 6.47 6.44 1.57
N PHE A 347 6.57 7.80 1.53
CA PHE A 347 7.71 8.49 2.11
C PHE A 347 7.65 8.34 3.62
N MET A 348 6.59 8.87 4.27
CA MET A 348 6.42 8.79 5.72
C MET A 348 6.51 7.38 6.25
N ALA A 349 6.03 6.41 5.47
CA ALA A 349 6.08 5.03 5.88
C ALA A 349 7.48 4.39 5.74
N GLU A 350 8.11 4.46 4.54
CA GLU A 350 9.43 3.85 4.38
C GLU A 350 10.47 4.55 5.20
N VAL A 351 10.42 5.89 5.27
CA VAL A 351 11.39 6.66 6.07
C VAL A 351 11.17 6.44 7.57
N GLY A 352 9.92 6.32 7.97
CA GLY A 352 9.59 6.10 9.37
C GLY A 352 9.53 7.44 10.06
N THR A 353 8.69 8.33 9.53
CA THR A 353 8.56 9.68 10.09
C THR A 353 7.13 10.22 9.98
N ASN A 354 6.80 11.14 10.88
CA ASN A 354 5.50 11.80 10.85
C ASN A 354 5.54 13.09 10.01
N ARG A 355 6.76 13.65 9.78
CA ARG A 355 6.95 14.87 8.98
C ARG A 355 6.97 14.47 7.53
N GLY A 356 5.87 14.71 6.84
CA GLY A 356 5.73 14.35 5.43
C GLY A 356 6.11 15.43 4.43
N LEU A 357 5.76 15.16 3.17
CA LEU A 357 6.00 16.01 2.02
C LEU A 357 4.99 17.16 2.01
N LEU A 358 5.41 18.35 1.59
CA LEU A 358 4.51 19.51 1.55
C LEU A 358 4.37 20.11 0.12
N PRO A 359 3.43 21.03 -0.16
CA PRO A 359 3.23 21.52 -1.53
C PRO A 359 4.47 21.90 -2.32
N GLU A 360 5.46 22.53 -1.68
CA GLU A 360 6.68 22.92 -2.38
C GLU A 360 7.49 21.71 -2.88
N HIS A 361 7.61 20.65 -2.05
CA HIS A 361 8.30 19.41 -2.42
C HIS A 361 7.65 18.79 -3.64
N PHE A 362 6.30 18.74 -3.62
CA PHE A 362 5.48 18.17 -4.68
C PHE A 362 5.71 18.87 -5.99
N LEU A 363 5.83 20.21 -5.96
CA LEU A 363 6.08 21.02 -7.16
C LEU A 363 7.39 20.59 -7.80
N PHE A 364 8.44 20.38 -6.98
CA PHE A 364 9.72 19.93 -7.49
C PHE A 364 9.58 18.52 -8.09
N LEU A 365 9.01 17.58 -7.35
CA LEU A 365 8.81 16.22 -7.82
C LEU A 365 8.00 16.17 -9.12
N ALA A 366 7.13 17.18 -9.36
CA ALA A 366 6.34 17.27 -10.58
C ALA A 366 7.21 17.79 -11.72
N GLN A 367 8.05 18.81 -11.43
CA GLN A 367 9.00 19.38 -12.40
C GLN A 367 10.05 18.36 -12.85
N LYS A 368 10.34 17.37 -11.99
CA LYS A 368 11.30 16.34 -12.32
C LYS A 368 10.60 15.25 -13.16
N ILE A 369 9.44 14.78 -12.71
CA ILE A 369 8.73 13.70 -13.38
C ILE A 369 8.21 14.08 -14.77
N PHE A 370 7.81 15.34 -14.98
CA PHE A 370 7.30 15.75 -16.27
C PHE A 370 8.33 16.40 -17.17
N ASN A 371 9.53 16.73 -16.65
CA ASN A 371 10.57 17.43 -17.42
C ASN A 371 9.99 18.75 -17.97
N ASP A 372 9.27 19.46 -17.08
CA ASP A 372 8.53 20.69 -17.30
C ASP A 372 8.97 21.67 -16.21
N ASN A 373 9.29 22.91 -16.58
CA ASN A 373 9.74 23.94 -15.64
C ASN A 373 8.62 24.88 -15.16
N SER A 374 7.34 24.50 -15.36
CA SER A 374 6.20 25.32 -14.93
C SER A 374 6.21 25.54 -13.42
N LEU A 375 5.74 26.69 -12.97
CA LEU A 375 5.80 27.02 -11.55
C LEU A 375 4.47 26.94 -10.82
N SER A 376 3.35 27.05 -11.54
CA SER A 376 2.04 27.00 -10.90
C SER A 376 1.62 25.57 -10.58
N MET A 377 1.29 25.28 -9.31
CA MET A 377 0.83 23.95 -8.93
C MET A 377 -0.54 23.58 -9.52
N GLU A 378 -1.26 24.57 -10.08
CA GLU A 378 -2.54 24.44 -10.76
C GLU A 378 -2.28 23.69 -12.08
N ALA A 379 -1.24 24.10 -12.82
CA ALA A 379 -0.84 23.46 -14.08
C ALA A 379 -0.13 22.12 -13.85
N PHE A 380 -0.40 21.45 -12.71
CA PHE A 380 0.20 20.18 -12.32
C PHE A 380 -0.75 19.32 -11.51
N GLN A 381 -1.69 19.95 -10.75
CA GLN A 381 -2.64 19.25 -9.87
C GLN A 381 -3.52 18.28 -10.64
N HIS A 382 -4.13 18.74 -11.74
CA HIS A 382 -4.98 17.90 -12.58
C HIS A 382 -4.20 17.56 -13.82
N ARG A 383 -3.33 16.54 -13.74
CA ARG A 383 -2.51 16.13 -14.87
C ARG A 383 -2.23 14.63 -14.83
N SER A 384 -2.28 13.99 -15.99
CA SER A 384 -2.07 12.56 -16.14
C SER A 384 -0.64 12.12 -15.89
N VAL A 385 -0.48 11.01 -15.16
CA VAL A 385 0.83 10.46 -14.87
C VAL A 385 0.80 8.99 -15.19
N SER A 386 1.42 8.60 -16.29
CA SER A 386 1.43 7.21 -16.72
C SER A 386 2.42 6.35 -15.95
N TRP A 387 2.27 5.02 -16.04
CA TRP A 387 3.21 4.06 -15.48
C TRP A 387 4.56 4.22 -16.19
N SER A 388 4.56 4.51 -17.51
CA SER A 388 5.76 4.75 -18.30
C SER A 388 6.52 5.94 -17.71
N GLN A 389 5.83 7.08 -17.48
CA GLN A 389 6.47 8.26 -16.88
C GLN A 389 7.09 7.95 -15.51
N PHE A 390 6.46 7.05 -14.76
CA PHE A 390 6.87 6.67 -13.42
C PHE A 390 8.05 5.70 -13.36
N ASN A 391 8.05 4.59 -14.13
CA ASN A 391 9.13 3.61 -14.04
C ASN A 391 9.64 3.04 -15.35
N LYS A 392 9.26 3.63 -16.49
CA LYS A 392 9.74 3.16 -17.79
C LYS A 392 10.69 4.18 -18.45
N GLU A 393 10.23 5.43 -18.62
CA GLU A 393 11.00 6.50 -19.23
C GLU A 393 12.17 6.91 -18.37
N ILE A 394 13.33 6.98 -18.98
CA ILE A 394 14.54 7.40 -18.29
C ILE A 394 14.55 8.93 -18.30
N LEU A 395 14.81 9.54 -17.13
CA LEU A 395 14.84 10.98 -16.94
C LEU A 395 15.81 11.65 -17.88
N LEU A 396 15.41 12.79 -18.44
CA LEU A 396 16.27 13.49 -19.41
C LEU A 396 17.64 13.83 -18.87
N GLY A 397 18.66 13.27 -19.52
CA GLY A 397 20.04 13.46 -19.12
C GLY A 397 20.54 12.49 -18.05
N ARG A 398 19.63 11.75 -17.44
CA ARG A 398 19.98 10.81 -16.37
C ARG A 398 19.98 9.37 -16.89
N GLY A 399 20.47 8.43 -16.09
CA GLY A 399 20.49 7.02 -16.43
C GLY A 399 19.57 6.24 -15.51
N PHE A 400 18.36 6.76 -15.32
CA PHE A 400 17.40 6.16 -14.41
C PHE A 400 16.00 6.77 -14.59
N THR A 401 14.98 6.04 -14.15
CA THR A 401 13.59 6.48 -14.19
C THR A 401 13.27 7.30 -12.93
N PHE A 402 12.09 7.95 -12.89
CA PHE A 402 11.68 8.73 -11.73
C PHE A 402 11.64 7.87 -10.46
N TRP A 403 11.00 6.68 -10.54
CA TRP A 403 10.89 5.81 -9.37
C TRP A 403 12.26 5.38 -8.87
N GLN A 404 13.24 5.17 -9.76
CA GLN A 404 14.59 4.79 -9.33
C GLN A 404 15.19 5.90 -8.44
N TRP A 405 14.98 7.16 -8.84
CA TRP A 405 15.45 8.33 -8.10
C TRP A 405 14.71 8.48 -6.78
N PHE A 406 13.38 8.44 -6.79
CA PHE A 406 12.60 8.58 -5.56
C PHE A 406 12.91 7.46 -4.58
N ASP A 407 13.13 6.25 -5.08
CA ASP A 407 13.47 5.11 -4.22
C ASP A 407 14.84 5.29 -3.56
N GLY A 408 15.78 5.91 -4.28
CA GLY A 408 17.09 6.21 -3.74
C GLY A 408 17.02 7.18 -2.58
N VAL A 409 16.11 8.18 -2.69
CA VAL A 409 15.85 9.18 -1.65
C VAL A 409 15.27 8.48 -0.43
N LEU A 410 14.32 7.56 -0.64
CA LEU A 410 13.70 6.78 0.44
C LEU A 410 14.74 5.92 1.14
N ASP A 411 15.68 5.35 0.38
CA ASP A 411 16.74 4.52 0.91
C ASP A 411 17.67 5.36 1.81
N LEU A 412 18.17 6.48 1.25
CA LEU A 412 19.09 7.41 1.90
C LEU A 412 18.50 8.06 3.16
N THR A 413 17.29 8.62 3.03
CA THR A 413 16.59 9.32 4.12
C THR A 413 16.25 8.35 5.23
N LYS A 414 15.83 7.13 4.90
CA LYS A 414 15.48 6.16 5.92
C LYS A 414 16.75 5.73 6.64
N ARG A 415 17.76 5.31 5.86
CA ARG A 415 18.98 4.80 6.43
C ARG A 415 19.76 5.78 7.33
N CYS A 416 20.08 7.00 6.85
CA CYS A 416 20.93 7.89 7.64
C CYS A 416 20.36 9.28 7.90
N LEU A 417 19.24 9.64 7.27
CA LEU A 417 18.67 10.98 7.48
C LEU A 417 17.37 11.01 8.30
N ARG A 418 17.02 9.87 8.94
CA ARG A 418 15.80 9.70 9.72
C ARG A 418 15.63 10.80 10.77
N SER A 419 16.71 11.14 11.47
CA SER A 419 16.71 12.17 12.50
C SER A 419 16.48 13.57 11.90
N TYR A 420 17.37 13.98 10.98
CA TYR A 420 17.38 15.31 10.37
C TYR A 420 16.12 15.64 9.59
N TRP A 421 15.47 14.65 8.93
CA TRP A 421 14.23 14.94 8.20
C TRP A 421 13.14 15.34 9.17
N SER A 422 13.04 14.59 10.27
CA SER A 422 12.08 14.79 11.35
C SER A 422 12.30 16.15 12.00
N ASP A 423 13.57 16.50 12.29
CA ASP A 423 13.93 17.79 12.88
C ASP A 423 13.61 19.00 11.98
N ARG A 424 13.19 18.76 10.72
CA ARG A 424 12.91 19.77 9.71
C ARG A 424 14.14 20.59 9.36
N LEU A 425 15.28 19.89 9.25
CA LEU A 425 16.59 20.46 8.88
C LEU A 425 16.94 20.19 7.39
N ILE A 426 16.15 19.35 6.70
CA ILE A 426 16.41 19.00 5.32
C ILE A 426 15.29 19.47 4.45
N ILE A 427 15.58 20.37 3.48
CA ILE A 427 14.53 20.76 2.53
C ILE A 427 14.37 19.57 1.56
N GLY A 428 15.49 19.11 1.02
CA GLY A 428 15.50 17.94 0.14
C GLY A 428 14.95 18.15 -1.26
N PHE A 429 13.62 18.32 -1.36
CA PHE A 429 12.98 18.48 -2.65
C PHE A 429 12.88 19.95 -3.02
N ILE A 430 13.96 20.49 -3.59
CA ILE A 430 14.00 21.89 -3.99
C ILE A 430 14.78 22.08 -5.30
N SER A 431 14.17 22.80 -6.25
CA SER A 431 14.84 23.07 -7.53
C SER A 431 16.02 24.00 -7.32
N LYS A 432 17.06 23.86 -8.14
CA LYS A 432 18.19 24.79 -8.06
C LYS A 432 17.75 26.27 -8.26
N GLN A 433 16.63 26.48 -8.98
CA GLN A 433 16.03 27.79 -9.23
C GLN A 433 15.51 28.44 -7.91
N TYR A 434 15.06 27.61 -6.97
CA TYR A 434 14.56 28.06 -5.68
C TYR A 434 15.67 28.17 -4.65
N VAL A 435 16.70 27.31 -4.72
CA VAL A 435 17.83 27.38 -3.80
C VAL A 435 18.55 28.72 -3.98
N THR A 436 18.77 29.13 -5.25
CA THR A 436 19.38 30.42 -5.54
C THR A 436 18.49 31.52 -5.03
N SER A 437 17.17 31.42 -5.29
CA SER A 437 16.15 32.37 -4.83
C SER A 437 16.29 32.73 -3.34
N LEU A 438 16.35 31.73 -2.44
CA LEU A 438 16.52 32.04 -1.01
C LEU A 438 18.00 32.35 -0.69
N LEU A 439 18.84 31.34 -0.62
CA LEU A 439 20.26 31.43 -0.26
C LEU A 439 21.12 32.52 -0.86
N LEU A 440 20.88 32.98 -2.09
CA LEU A 440 21.80 33.90 -2.76
C LEU A 440 22.03 35.23 -2.06
N ASN A 441 20.99 35.80 -1.44
CA ASN A 441 21.13 37.10 -0.80
C ASN A 441 21.37 37.05 0.73
N GLU A 442 21.27 35.87 1.33
CA GLU A 442 21.54 35.66 2.76
C GLU A 442 23.05 35.80 3.03
N PRO A 443 23.46 36.10 4.29
CA PRO A 443 24.89 36.28 4.56
C PRO A 443 25.71 35.04 4.24
N ASP A 444 26.99 35.23 3.83
CA ASP A 444 27.95 34.15 3.51
C ASP A 444 27.89 33.02 4.53
N GLY A 445 28.09 31.80 4.07
CA GLY A 445 28.04 30.65 4.95
C GLY A 445 26.65 30.11 5.21
N THR A 446 25.59 30.79 4.72
CA THR A 446 24.22 30.27 4.90
C THR A 446 24.07 29.05 4.03
N PHE A 447 23.73 27.91 4.61
CA PHE A 447 23.60 26.69 3.82
C PHE A 447 22.14 26.17 3.81
N LEU A 448 21.93 25.02 3.18
CA LEU A 448 20.66 24.37 2.96
C LEU A 448 20.96 22.90 2.56
N LEU A 449 20.08 21.97 2.93
CA LEU A 449 20.28 20.57 2.58
C LEU A 449 19.25 20.08 1.56
N ARG A 450 19.72 19.57 0.42
CA ARG A 450 18.84 19.06 -0.62
C ARG A 450 19.29 17.73 -1.23
N PHE A 451 18.43 17.12 -2.05
CA PHE A 451 18.74 15.84 -2.65
C PHE A 451 19.42 15.97 -3.99
N SER A 452 20.46 15.15 -4.19
CA SER A 452 21.24 15.09 -5.41
C SER A 452 20.34 14.67 -6.55
N ASP A 453 20.48 15.32 -7.70
CA ASP A 453 19.66 15.01 -8.86
C ASP A 453 20.30 13.93 -9.72
N SER A 454 21.57 14.13 -10.09
CA SER A 454 22.32 13.26 -10.96
C SER A 454 22.71 11.96 -10.31
N GLU A 455 22.97 11.97 -9.01
CA GLU A 455 23.38 10.75 -8.32
C GLU A 455 22.19 10.14 -7.58
N ILE A 456 22.03 8.82 -7.66
CA ILE A 456 20.91 8.14 -7.02
C ILE A 456 21.08 8.12 -5.52
N GLY A 457 20.17 8.79 -4.83
CA GLY A 457 20.19 8.84 -3.38
C GLY A 457 21.42 9.48 -2.77
N GLY A 458 21.57 10.79 -3.00
CA GLY A 458 22.65 11.58 -2.45
C GLY A 458 22.16 12.85 -1.79
N ILE A 459 22.92 13.38 -0.82
CA ILE A 459 22.52 14.64 -0.16
C ILE A 459 23.66 15.66 -0.28
N THR A 460 23.36 16.78 -0.95
CA THR A 460 24.32 17.86 -1.22
C THR A 460 24.10 19.04 -0.28
N ILE A 461 25.18 19.73 0.11
CA ILE A 461 25.07 20.93 0.94
C ILE A 461 25.13 22.13 0.04
N ALA A 462 23.99 22.72 -0.28
CA ALA A 462 23.95 23.92 -1.09
C ALA A 462 24.23 25.08 -0.15
N HIS A 463 25.17 25.98 -0.49
CA HIS A 463 25.43 27.12 0.38
C HIS A 463 25.85 28.36 -0.38
N VAL A 464 25.74 29.54 0.25
CA VAL A 464 26.10 30.78 -0.42
C VAL A 464 27.58 31.13 -0.19
N ILE A 465 28.29 31.33 -1.27
CA ILE A 465 29.69 31.66 -1.25
C ILE A 465 29.93 32.97 -2.01
N ARG A 466 31.14 33.51 -1.98
CA ARG A 466 31.50 34.72 -2.70
CA ARG A 466 31.46 34.71 -2.74
C ARG A 466 32.17 34.28 -4.00
N GLY A 467 31.70 34.79 -5.14
CA GLY A 467 32.26 34.43 -6.44
C GLY A 467 33.66 34.94 -6.65
N GLN A 468 34.20 34.79 -7.86
CA GLN A 468 35.54 35.30 -8.17
C GLN A 468 35.52 36.84 -8.19
N ASP A 469 34.46 37.42 -8.77
CA ASP A 469 34.27 38.86 -8.87
C ASP A 469 33.87 39.51 -7.53
N GLY A 470 33.38 38.72 -6.58
CA GLY A 470 32.95 39.21 -5.27
C GLY A 470 31.47 39.06 -5.05
N SER A 471 30.67 39.04 -6.13
CA SER A 471 29.21 38.89 -6.07
C SER A 471 28.86 37.52 -5.52
N PRO A 472 27.76 37.38 -4.78
CA PRO A 472 27.41 36.06 -4.23
C PRO A 472 27.16 35.04 -5.31
N GLN A 473 27.51 33.82 -5.01
CA GLN A 473 27.38 32.68 -5.91
C GLN A 473 26.88 31.50 -5.09
N ILE A 474 26.29 30.52 -5.75
CA ILE A 474 25.81 29.33 -5.05
C ILE A 474 26.83 28.22 -5.25
N GLU A 475 27.28 27.62 -4.16
CA GLU A 475 28.24 26.52 -4.22
C GLU A 475 27.53 25.28 -3.70
N ASN A 476 27.75 24.13 -4.36
CA ASN A 476 27.16 22.88 -3.89
C ASN A 476 28.27 21.89 -3.57
N ILE A 477 28.40 21.47 -2.30
CA ILE A 477 29.40 20.49 -1.87
C ILE A 477 29.03 19.13 -2.52
N GLN A 478 30.03 18.29 -2.82
CA GLN A 478 29.86 16.95 -3.41
C GLN A 478 28.85 16.14 -2.58
N PRO A 479 27.90 15.44 -3.21
CA PRO A 479 26.86 14.74 -2.42
C PRO A 479 27.35 13.54 -1.61
N PHE A 480 26.69 13.28 -0.48
CA PHE A 480 27.06 12.13 0.35
C PHE A 480 26.03 11.04 0.16
N SER A 481 26.44 9.86 -0.32
CA SER A 481 25.54 8.72 -0.40
C SER A 481 25.55 8.00 0.99
N ALA A 482 24.66 7.01 1.19
CA ALA A 482 24.57 6.29 2.46
C ALA A 482 25.87 5.60 2.88
N LYS A 483 26.73 5.25 1.90
CA LYS A 483 28.01 4.63 2.20
C LYS A 483 28.96 5.66 2.86
N ASP A 484 28.95 6.93 2.39
CA ASP A 484 29.77 8.01 2.98
C ASP A 484 29.18 8.46 4.32
N LEU A 485 27.85 8.41 4.45
CA LEU A 485 27.14 8.76 5.68
C LEU A 485 27.20 7.65 6.74
N SER A 486 27.53 6.42 6.35
CA SER A 486 27.72 5.34 7.29
C SER A 486 29.08 5.56 7.99
N ILE A 487 30.11 5.95 7.19
CA ILE A 487 31.47 6.26 7.63
C ILE A 487 31.43 7.47 8.59
N ARG A 488 30.73 8.54 8.18
CA ARG A 488 30.64 9.75 9.00
C ARG A 488 29.28 10.41 8.87
N SER A 489 28.66 10.75 10.01
CA SER A 489 27.34 11.37 10.09
C SER A 489 27.18 12.63 9.24
N LEU A 490 25.94 12.98 8.88
CA LEU A 490 25.65 14.21 8.13
C LEU A 490 25.95 15.42 9.04
N GLY A 491 25.54 15.34 10.30
CA GLY A 491 25.78 16.40 11.27
C GLY A 491 27.25 16.55 11.63
N ASP A 492 27.97 15.42 11.66
CA ASP A 492 29.40 15.45 11.93
C ASP A 492 30.10 16.11 10.76
N ARG A 493 29.76 15.70 9.53
CA ARG A 493 30.35 16.25 8.31
C ARG A 493 30.04 17.74 8.17
N ILE A 494 28.81 18.16 8.52
CA ILE A 494 28.42 19.56 8.46
C ILE A 494 29.23 20.37 9.47
N ARG A 495 29.59 19.78 10.62
CA ARG A 495 30.42 20.45 11.61
C ARG A 495 31.88 20.63 11.12
N ASP A 496 32.41 19.65 10.37
CA ASP A 496 33.77 19.65 9.81
C ASP A 496 34.00 20.74 8.75
N LEU A 497 32.94 21.27 8.16
CA LEU A 497 33.05 22.28 7.12
C LEU A 497 32.90 23.65 7.74
N ALA A 498 34.03 24.34 7.92
CA ALA A 498 34.08 25.67 8.53
C ALA A 498 33.38 26.74 7.76
N GLN A 499 33.29 26.59 6.43
CA GLN A 499 32.61 27.57 5.60
C GLN A 499 31.10 27.62 5.88
N LEU A 500 30.52 26.53 6.37
CA LEU A 500 29.09 26.49 6.69
C LEU A 500 28.88 27.14 8.06
N LYS A 501 27.98 28.13 8.16
CA LYS A 501 27.74 28.82 9.43
C LYS A 501 26.31 28.63 9.94
N ASN A 502 25.29 28.99 9.15
CA ASN A 502 23.90 28.86 9.59
C ASN A 502 23.03 28.11 8.61
N LEU A 503 22.21 27.20 9.13
CA LEU A 503 21.24 26.49 8.31
C LEU A 503 20.14 27.49 7.98
N TYR A 504 19.71 27.53 6.73
CA TYR A 504 18.66 28.46 6.33
C TYR A 504 17.35 28.09 7.02
N PRO A 505 16.69 29.07 7.65
CA PRO A 505 17.00 30.50 7.66
C PRO A 505 17.58 31.00 8.98
N LYS A 506 18.72 31.72 8.96
CA LYS A 506 19.36 32.33 10.15
C LYS A 506 19.29 31.45 11.43
N LYS A 507 19.90 30.27 11.42
CA LYS A 507 19.83 29.36 12.55
C LYS A 507 21.17 28.69 12.72
N PRO A 508 21.93 29.05 13.77
CA PRO A 508 23.29 28.50 13.95
C PRO A 508 23.46 26.99 13.74
N LYS A 509 24.53 26.64 13.02
CA LYS A 509 24.91 25.26 12.65
C LYS A 509 25.01 24.35 13.86
N ASP A 510 25.75 24.77 14.89
CA ASP A 510 25.94 23.99 16.12
C ASP A 510 24.67 23.88 16.97
N GLU A 511 23.76 24.86 16.83
CA GLU A 511 22.48 24.89 17.53
C GLU A 511 21.54 23.89 16.85
N ALA A 512 21.51 23.89 15.51
CA ALA A 512 20.64 22.99 14.73
C ALA A 512 21.14 21.55 14.72
N PHE A 513 22.46 21.37 14.63
CA PHE A 513 23.08 20.05 14.58
C PHE A 513 23.89 19.77 15.85
N1 A1AQQ B . 34.67 18.69 -4.16
C2 A1AQQ B . 33.24 21.86 -4.59
N3 A1AQQ B . 50.05 18.67 -4.98
C4 A1AQQ B . 32.82 22.85 -5.67
C5 A1AQQ B . 32.38 22.10 -3.34
C6 A1AQQ B . 33.49 19.34 -4.05
F1 A1AQQ B . 23.56 16.45 -6.90
C47 A1AQQ B . 24.11 17.61 -7.24
F A1AQQ B . 23.74 18.41 -6.22
P A1AQQ B . 23.39 18.20 -8.84
O10 A1AQQ B . 24.08 19.33 -9.53
O9 A1AQQ B . 21.95 18.51 -8.38
O8 A1AQQ B . 23.34 16.88 -9.65
C46 A1AQQ B . 25.65 17.50 -7.41
C45 A1AQQ B . 26.52 18.46 -6.91
C48 A1AQQ B . 26.17 16.37 -8.03
C49 A1AQQ B . 27.53 16.17 -8.12
C50 A1AQQ B . 28.40 17.10 -7.56
C44 A1AQQ B . 27.90 18.27 -6.96
C43 A1AQQ B . 29.01 19.06 -6.44
S A1AQQ B . 30.13 16.98 -7.49
C42 A1AQQ B . 30.24 18.51 -6.66
C A1AQQ B . 31.62 18.99 -6.41
O A1AQQ B . 32.58 18.43 -6.95
N A1AQQ B . 31.79 20.05 -5.60
C1 A1AQQ B . 33.12 20.39 -5.11
C3 A1AQQ B . 34.70 22.15 -4.22
O7 A1AQQ B . 32.71 19.12 -3.15
C30 A1AQQ B . 35.06 17.76 -3.08
C31 A1AQQ B . 35.12 18.46 -1.71
O6 A1AQQ B . 35.53 19.60 -1.67
N4 A1AQQ B . 34.69 17.81 -0.60
C41 A1AQQ B . 34.62 16.36 -0.40
C34 A1AQQ B . 33.26 16.10 0.25
C35 A1AQQ B . 32.91 14.64 0.25
C40 A1AQQ B . 33.59 13.75 1.07
C39 A1AQQ B . 33.22 12.41 1.12
C38 A1AQQ B . 32.16 11.95 0.36
C37 A1AQQ B . 31.48 12.82 -0.45
C36 A1AQQ B . 31.85 14.16 -0.51
O5 A1AQQ B . 33.24 16.58 1.60
C33 A1AQQ B . 34.06 17.76 1.80
C32 A1AQQ B . 34.21 18.62 0.53
C29 A1AQQ B . 36.46 17.31 -3.50
C8 A1AQQ B . 36.57 17.54 -5.00
C7 A1AQQ B . 35.64 18.73 -5.25
O1 A1AQQ B . 37.94 17.85 -5.30
C9 A1AQQ B . 38.31 17.98 -6.67
C10 A1AQQ B . 39.37 19.05 -6.79
C11 A1AQQ B . 38.89 20.45 -6.36
C12 A1AQQ B . 39.99 21.47 -6.15
C13 A1AQQ B . 40.67 21.94 -7.43
C14 A1AQQ B . 42.09 21.63 -7.55
C15 A1AQQ B . 43.24 21.43 -7.77
C16 A1AQQ B . 44.55 21.35 -8.34
C28 A1AQQ B . 44.78 21.89 -9.62
C27 A1AQQ B . 46.00 21.70 -10.26
C26 A1AQQ B . 47.02 21.00 -9.63
C25 A1AQQ B . 46.81 20.52 -8.35
C17 A1AQQ B . 45.59 20.66 -7.72
C24 A1AQQ B . 47.77 19.89 -7.39
O4 A1AQQ B . 48.93 19.56 -7.58
N2 A1AQQ B . 47.06 19.67 -6.25
C18 A1AQQ B . 45.63 19.94 -6.39
C19 A1AQQ B . 47.71 19.52 -4.94
C23 A1AQQ B . 48.70 18.36 -4.94
O2 A1AQQ B . 48.32 17.19 -4.80
C22 A1AQQ B . 50.62 19.92 -4.99
O3 A1AQQ B . 51.84 20.05 -5.02
C21 A1AQQ B . 49.69 21.10 -4.97
C20 A1AQQ B . 48.31 20.82 -4.37
H33 A1AQQ B . 50.68 17.88 -5.01
H9 A1AQQ B . 32.98 23.89 -5.39
H8 A1AQQ B . 31.75 22.78 -5.89
H10 A1AQQ B . 33.32 22.69 -6.62
H13 A1AQQ B . 32.76 21.59 -2.46
H11 A1AQQ B . 31.36 21.77 -3.48
H12 A1AQQ B . 32.33 23.16 -3.08
H53 A1AQQ B . 21.63 19.41 -8.10
H52 A1AQQ B . 22.95 16.05 -9.26
H51 A1AQQ B . 26.15 19.38 -6.45
H54 A1AQQ B . 25.51 15.62 -8.46
H55 A1AQQ B . 27.92 15.27 -8.61
H50 A1AQQ B . 28.84 20.01 -5.94
H4 A1AQQ B . 31.00 20.61 -5.29
H A1AQQ B . 33.79 20.41 -5.95
H5 A1AQQ B . 35.01 21.59 -3.34
H6 A1AQQ B . 34.87 23.20 -4.00
H7 A1AQQ B . 35.39 21.89 -5.02
H2 A1AQQ B . 34.35 16.94 -3.14
H48 A1AQQ B . 35.44 16.01 0.23
H49 A1AQQ B . 34.71 15.75 -1.29
H3 A1AQQ B . 32.47 16.59 -0.32
H47 A1AQQ B . 34.43 14.08 1.68
H46 A1AQQ B . 33.76 11.72 1.77
H45 A1AQQ B . 31.87 10.90 0.40
H44 A1AQQ B . 30.65 12.47 -1.07
H43 A1AQQ B . 31.29 14.84 -1.17
H41 A1AQQ B . 33.52 18.29 2.58
H42 A1AQQ B . 35.03 17.48 2.22
H39 A1AQQ B . 34.91 19.41 0.77
H40 A1AQQ B . 33.28 19.15 0.28
H37 A1AQQ B . 36.60 16.25 -3.29
H38 A1AQQ B . 37.24 17.82 -2.94
H1 A1AQQ B . 36.24 16.66 -5.54
H15 A1AQQ B . 35.17 18.61 -6.23
H14 A1AQQ B . 36.14 19.70 -5.29
H16 A1AQQ B . 38.69 17.02 -7.00
H17 A1AQQ B . 37.48 18.21 -7.34
H18 A1AQQ B . 40.26 18.77 -6.24
H19 A1AQQ B . 39.71 19.10 -7.82
H21 A1AQQ B . 38.18 20.85 -7.08
H20 A1AQQ B . 38.32 20.38 -5.43
H22 A1AQQ B . 39.58 22.33 -5.63
H23 A1AQQ B . 40.73 21.07 -5.46
H24 A1AQQ B . 40.15 21.53 -8.28
H25 A1AQQ B . 40.55 23.02 -7.50
H36 A1AQQ B . 44.00 22.48 -10.10
H35 A1AQQ B . 46.15 22.08 -11.26
H34 A1AQQ B . 47.98 20.83 -10.13
H27 A1AQQ B . 45.25 20.55 -5.58
H26 A1AQQ B . 45.03 19.03 -6.41
H28 A1AQQ B . 46.92 19.20 -4.25
H31 A1AQQ B . 49.61 21.48 -5.98
H32 A1AQQ B . 50.17 21.92 -4.42
H30 A1AQQ B . 47.65 21.68 -4.54
H29 A1AQQ B . 48.39 20.74 -3.28
#